data_5ROW
#
_entry.id   5ROW
#
_cell.length_a   68.010
_cell.length_b   68.010
_cell.length_c   101.950
_cell.angle_alpha   90.000
_cell.angle_beta   90.000
_cell.angle_gamma   90.000
#
_symmetry.space_group_name_H-M   'P 43 21 2'
#
loop_
_entity.id
_entity.type
_entity.pdbx_description
1 polymer 'Proteinase K'
2 non-polymer 'SULFATE ION'
3 non-polymer CHLORZOXAZONE
4 water water
#
_entity_poly.entity_id   1
_entity_poly.type   'polypeptide(L)'
_entity_poly.pdbx_seq_one_letter_code
;AAQTNAPWGLARISSTSPGTSTYYYDESAGQGSCVYVIDTGIEASHPEFEGRAQMVKTYYYSSRDGNGHGTHCAGTVGSR
TYGVAKKTQLFGVKVLDDNGSGQYSTIIAGMDFVASDKNNRNCPKGVVASLSLGGGYSSSVNSAAARLQSSGVMVAVAAG
NNNADARNYSPASEPSVCTVGASDRYDRRSSFSNYGSVLDIFGPGTDILSTWIGGSTRSISGTSMATPHVAGLAAYLMTL
GKTTAASACRYIADTANKGDLSNIPFGTVNLLAYNNYQA
;
_entity_poly.pdbx_strand_id   A
#
# COMPACT_ATOMS: atom_id res chain seq x y z
N ALA A 1 -5.00 -7.58 19.69
CA ALA A 1 -5.90 -8.49 19.00
C ALA A 1 -5.15 -9.54 18.21
N ALA A 2 -5.82 -10.66 17.98
CA ALA A 2 -5.26 -11.76 17.21
C ALA A 2 -6.31 -12.22 16.20
N GLN A 3 -5.91 -12.29 14.94
CA GLN A 3 -6.72 -12.89 13.87
C GLN A 3 -6.09 -14.21 13.50
N THR A 4 -6.75 -15.29 13.85
CA THR A 4 -6.26 -16.60 13.46
C THR A 4 -6.52 -16.88 11.98
N ASN A 5 -5.69 -17.76 11.42
CA ASN A 5 -5.78 -18.18 10.04
C ASN A 5 -5.82 -16.98 9.10
N ALA A 6 -4.91 -16.06 9.35
CA ALA A 6 -4.82 -14.85 8.55
C ALA A 6 -4.02 -15.11 7.27
N PRO A 7 -4.18 -14.25 6.25
CA PRO A 7 -3.31 -14.38 5.08
C PRO A 7 -1.87 -14.24 5.55
N TRP A 8 -0.97 -14.97 4.88
CA TRP A 8 0.41 -15.06 5.36
C TRP A 8 1.04 -13.68 5.47
N GLY A 9 0.66 -12.73 4.61
CA GLY A 9 1.31 -11.43 4.63
C GLY A 9 0.94 -10.63 5.86
N LEU A 10 -0.32 -10.74 6.27
CA LEU A 10 -0.72 -10.17 7.55
C LEU A 10 0.07 -10.77 8.72
N ALA A 11 0.13 -12.09 8.79
CA ALA A 11 0.91 -12.71 9.85
C ALA A 11 2.36 -12.28 9.78
N ARG A 12 2.89 -12.07 8.57
CA ARG A 12 4.30 -11.73 8.44
C ARG A 12 4.60 -10.35 9.00
N ILE A 13 3.72 -9.36 8.77
CA ILE A 13 4.10 -8.02 9.22
C ILE A 13 3.95 -7.86 10.72
N SER A 14 3.39 -8.85 11.44
CA SER A 14 3.38 -8.80 12.89
C SER A 14 4.30 -9.85 13.51
N SER A 15 5.24 -10.38 12.73
CA SER A 15 6.08 -11.47 13.20
C SER A 15 7.56 -11.18 13.03
N THR A 16 8.36 -11.71 13.95
CA THR A 16 9.81 -11.74 13.79
C THR A 16 10.28 -12.93 12.97
N SER A 17 9.40 -13.84 12.59
CA SER A 17 9.74 -15.04 11.84
C SER A 17 8.72 -15.29 10.74
N PRO A 18 9.15 -15.84 9.61
CA PRO A 18 8.18 -16.37 8.64
C PRO A 18 7.53 -17.62 9.19
N GLY A 19 6.50 -18.08 8.49
CA GLY A 19 5.93 -19.38 8.78
C GLY A 19 4.89 -19.42 9.87
N THR A 20 4.29 -18.30 10.23
CA THR A 20 3.18 -18.29 11.18
C THR A 20 1.92 -17.81 10.47
N SER A 21 0.75 -18.01 11.09
CA SER A 21 -0.50 -17.75 10.40
C SER A 21 -1.49 -16.93 11.21
N THR A 22 -1.05 -16.28 12.30
CA THR A 22 -1.90 -15.39 13.08
C THR A 22 -1.37 -13.96 12.97
N TYR A 23 -2.28 -13.03 12.75
CA TYR A 23 -1.97 -11.60 12.68
C TYR A 23 -2.31 -10.98 14.03
N TYR A 24 -1.32 -10.28 14.60
CA TYR A 24 -1.47 -9.64 15.90
C TYR A 24 -1.34 -8.14 15.71
N TYR A 25 -2.25 -7.37 16.32
CA TYR A 25 -2.26 -5.93 16.12
C TYR A 25 -3.06 -5.25 17.22
N ASP A 26 -2.76 -3.97 17.43
CA ASP A 26 -3.49 -3.21 18.43
C ASP A 26 -4.90 -2.92 17.94
N GLU A 27 -5.89 -3.11 18.83
CA GLU A 27 -7.30 -3.03 18.43
C GLU A 27 -7.70 -1.67 17.86
N SER A 28 -6.91 -0.62 18.05
CA SER A 28 -7.24 0.66 17.44
C SER A 28 -7.34 0.53 15.92
N ALA A 29 -6.50 -0.31 15.31
CA ALA A 29 -6.72 -0.82 13.96
C ALA A 29 -6.85 0.29 12.91
N GLY A 30 -6.13 1.40 13.09
CA GLY A 30 -6.21 2.48 12.13
C GLY A 30 -7.45 3.35 12.22
N GLN A 31 -8.25 3.21 13.28
CA GLN A 31 -9.41 4.08 13.45
C GLN A 31 -8.98 5.54 13.43
N GLY A 32 -9.71 6.37 12.69
CA GLY A 32 -9.42 7.78 12.65
C GLY A 32 -8.37 8.16 11.61
N SER A 33 -7.78 7.20 10.93
CA SER A 33 -6.93 7.46 9.77
C SER A 33 -7.75 7.29 8.49
N CYS A 34 -7.15 7.71 7.38
CA CYS A 34 -7.75 7.55 6.06
C CYS A 34 -6.66 7.13 5.09
N VAL A 35 -7.01 6.19 4.21
CA VAL A 35 -6.09 5.74 3.16
C VAL A 35 -6.77 5.94 1.81
N TYR A 36 -6.15 6.74 0.95
CA TYR A 36 -6.54 6.83 -0.46
C TYR A 36 -5.91 5.70 -1.27
N VAL A 37 -6.73 4.98 -2.02
CA VAL A 37 -6.28 3.96 -2.95
C VAL A 37 -6.45 4.50 -4.36
N ILE A 38 -5.34 4.84 -4.99
CA ILE A 38 -5.31 5.51 -6.28
C ILE A 38 -5.06 4.41 -7.30
N ASP A 39 -6.11 3.98 -7.99
CA ASP A 39 -6.03 2.73 -8.73
C ASP A 39 -7.20 2.59 -9.71
N THR A 40 -7.73 1.36 -9.87
CA THR A 40 -8.85 1.11 -10.77
C THR A 40 -10.21 1.33 -10.10
N GLY A 41 -10.23 1.83 -8.88
CA GLY A 41 -11.43 2.00 -8.08
C GLY A 41 -11.51 0.96 -6.97
N ILE A 42 -12.63 0.98 -6.27
CA ILE A 42 -12.88 0.06 -5.18
C ILE A 42 -14.33 -0.37 -5.27
N GLU A 43 -14.60 -1.67 -5.13
CA GLU A 43 -15.97 -2.15 -4.97
C GLU A 43 -16.35 -1.91 -3.52
N ALA A 44 -16.84 -0.70 -3.23
CA ALA A 44 -17.12 -0.31 -1.85
C ALA A 44 -18.23 -1.16 -1.23
N SER A 45 -19.11 -1.74 -2.04
CA SER A 45 -20.20 -2.54 -1.51
C SER A 45 -19.73 -3.91 -1.02
N HIS A 46 -18.47 -4.27 -1.21
CA HIS A 46 -18.01 -5.58 -0.75
C HIS A 46 -18.22 -5.71 0.75
N PRO A 47 -18.84 -6.78 1.23
CA PRO A 47 -19.07 -6.91 2.68
C PRO A 47 -17.80 -6.77 3.52
N GLU A 48 -16.65 -7.09 2.92
CA GLU A 48 -15.37 -7.00 3.63
C GLU A 48 -15.00 -5.58 4.02
N PHE A 49 -15.58 -4.57 3.38
CA PHE A 49 -15.23 -3.18 3.72
C PHE A 49 -16.14 -2.57 4.78
N GLU A 50 -17.29 -3.18 5.06
CA GLU A 50 -18.11 -2.82 6.22
C GLU A 50 -18.57 -1.37 6.17
N GLY A 51 -18.81 -0.83 4.98
CA GLY A 51 -19.23 0.56 4.88
C GLY A 51 -18.12 1.58 5.06
N ARG A 52 -16.88 1.13 5.26
CA ARG A 52 -15.77 2.06 5.49
C ARG A 52 -15.07 2.48 4.21
N ALA A 53 -15.50 1.99 3.05
CA ALA A 53 -14.91 2.35 1.77
C ALA A 53 -15.89 3.18 0.97
N GLN A 54 -15.36 4.11 0.18
CA GLN A 54 -16.19 4.86 -0.74
C GLN A 54 -15.33 5.38 -1.87
N MET A 55 -15.94 5.55 -3.03
CA MET A 55 -15.28 6.20 -4.15
C MET A 55 -15.47 7.70 -3.98
N VAL A 56 -14.39 8.47 -4.18
CA VAL A 56 -14.46 9.92 -4.11
C VAL A 56 -14.18 10.60 -5.43
N LYS A 57 -13.60 9.90 -6.41
CA LYS A 57 -13.19 10.56 -7.65
C LYS A 57 -12.95 9.52 -8.73
N THR A 58 -13.42 9.80 -9.94
CA THR A 58 -13.06 9.03 -11.12
C THR A 58 -12.81 9.98 -12.29
N TYR A 59 -11.95 9.55 -13.19
CA TYR A 59 -11.72 10.26 -14.43
C TYR A 59 -12.34 9.55 -15.63
N TYR A 60 -13.19 8.57 -15.39
CA TYR A 60 -13.78 7.74 -16.43
C TYR A 60 -15.29 7.70 -16.26
N TYR A 61 -15.97 6.97 -17.15
CA TYR A 61 -17.43 6.99 -17.18
C TYR A 61 -18.05 6.42 -15.92
N SER A 62 -17.30 5.64 -15.15
CA SER A 62 -17.82 5.10 -13.91
C SER A 62 -16.71 5.17 -12.88
N SER A 63 -17.12 5.22 -11.61
CA SER A 63 -16.19 5.06 -10.51
C SER A 63 -16.12 3.62 -10.04
N ARG A 64 -16.91 2.72 -10.62
CA ARG A 64 -16.84 1.31 -10.25
C ARG A 64 -15.51 0.71 -10.69
N ASP A 65 -15.05 -0.26 -9.92
CA ASP A 65 -13.87 -1.05 -10.27
C ASP A 65 -14.32 -2.17 -11.21
N GLY A 66 -14.02 -2.04 -12.51
CA GLY A 66 -14.31 -3.07 -13.48
C GLY A 66 -13.17 -4.03 -13.71
N ASN A 67 -12.08 -3.86 -12.97
CA ASN A 67 -10.89 -4.70 -13.10
C ASN A 67 -10.72 -5.64 -11.92
N GLY A 68 -10.69 -5.11 -10.70
CA GLY A 68 -10.43 -5.89 -9.49
C GLY A 68 -9.17 -5.46 -8.76
N HIS A 69 -8.19 -4.94 -9.50
CA HIS A 69 -6.90 -4.61 -8.94
C HIS A 69 -7.04 -3.61 -7.80
N GLY A 70 -7.79 -2.53 -8.00
CA GLY A 70 -7.97 -1.56 -6.94
C GLY A 70 -8.71 -2.10 -5.73
N THR A 71 -9.69 -2.98 -5.96
CA THR A 71 -10.40 -3.61 -4.86
C THR A 71 -9.49 -4.52 -4.05
N HIS A 72 -8.59 -5.22 -4.73
CA HIS A 72 -7.66 -6.11 -4.04
C HIS A 72 -6.71 -5.30 -3.17
N CYS A 73 -6.13 -4.25 -3.74
CA CYS A 73 -5.24 -3.39 -2.98
C CYS A 73 -5.96 -2.76 -1.80
N ALA A 74 -7.17 -2.24 -2.03
CA ALA A 74 -7.94 -1.67 -0.93
C ALA A 74 -8.21 -2.71 0.15
N GLY A 75 -8.46 -3.97 -0.25
CA GLY A 75 -8.68 -5.02 0.73
C GLY A 75 -7.46 -5.28 1.59
N THR A 76 -6.27 -5.17 1.01
CA THR A 76 -5.05 -5.35 1.79
C THR A 76 -4.80 -4.18 2.75
N VAL A 77 -5.19 -2.97 2.37
CA VAL A 77 -5.10 -1.85 3.31
C VAL A 77 -6.02 -2.07 4.51
N GLY A 78 -7.29 -2.35 4.25
CA GLY A 78 -8.28 -2.16 5.29
C GLY A 78 -9.54 -3.02 5.31
N SER A 79 -9.59 -4.11 4.56
CA SER A 79 -10.72 -5.01 4.72
C SER A 79 -10.67 -5.73 6.07
N ARG A 80 -11.85 -6.19 6.50
CA ARG A 80 -11.93 -6.82 7.81
C ARG A 80 -11.07 -8.09 7.91
N THR A 81 -11.05 -8.92 6.86
CA THR A 81 -10.29 -10.18 6.92
C THR A 81 -8.89 -10.04 6.32
N TYR A 82 -8.77 -9.29 5.23
CA TYR A 82 -7.54 -9.26 4.46
C TYR A 82 -6.70 -8.01 4.72
N GLY A 83 -7.17 -7.11 5.59
CA GLY A 83 -6.56 -5.79 5.75
C GLY A 83 -5.63 -5.65 6.93
N VAL A 84 -4.61 -4.80 6.76
CA VAL A 84 -3.69 -4.47 7.84
C VAL A 84 -4.36 -3.56 8.88
N ALA A 85 -5.11 -2.56 8.42
CA ALA A 85 -5.67 -1.49 9.24
C ALA A 85 -7.18 -1.62 9.15
N LYS A 86 -7.72 -2.47 10.02
CA LYS A 86 -9.09 -2.95 9.82
C LYS A 86 -10.17 -1.94 10.15
N LYS A 87 -9.83 -0.78 10.72
CA LYS A 87 -10.83 0.25 10.99
C LYS A 87 -10.53 1.55 10.26
N THR A 88 -9.58 1.56 9.32
CA THR A 88 -9.32 2.80 8.61
C THR A 88 -10.48 3.12 7.68
N GLN A 89 -10.55 4.38 7.27
CA GLN A 89 -11.46 4.79 6.21
C GLN A 89 -10.73 4.73 4.88
N LEU A 90 -11.39 4.18 3.86
CA LEU A 90 -10.81 3.96 2.54
C LEU A 90 -11.48 4.88 1.51
N PHE A 91 -10.66 5.61 0.76
CA PHE A 91 -11.14 6.53 -0.27
C PHE A 91 -10.56 6.13 -1.62
N GLY A 92 -11.44 5.81 -2.58
CA GLY A 92 -10.99 5.38 -3.90
C GLY A 92 -10.91 6.51 -4.90
N VAL A 93 -9.82 6.54 -5.66
CA VAL A 93 -9.61 7.53 -6.71
C VAL A 93 -9.26 6.74 -7.97
N LYS A 94 -10.19 6.71 -8.94
CA LYS A 94 -10.01 5.87 -10.12
C LYS A 94 -9.22 6.64 -11.18
N VAL A 95 -7.90 6.42 -11.21
CA VAL A 95 -7.05 6.99 -12.25
C VAL A 95 -6.71 5.97 -13.33
N LEU A 96 -7.06 4.70 -13.16
CA LEU A 96 -6.75 3.66 -14.12
C LEU A 96 -8.06 3.11 -14.67
N ASP A 97 -8.08 2.80 -15.97
CA ASP A 97 -9.27 2.24 -16.61
C ASP A 97 -9.47 0.78 -16.18
N ASP A 98 -10.52 0.17 -16.71
CA ASP A 98 -10.83 -1.19 -16.30
C ASP A 98 -9.87 -2.22 -16.89
N ASN A 99 -8.96 -1.81 -17.77
CA ASN A 99 -7.85 -2.65 -18.18
C ASN A 99 -6.61 -2.42 -17.34
N GLY A 100 -6.69 -1.58 -16.30
CA GLY A 100 -5.57 -1.28 -15.45
C GLY A 100 -4.59 -0.28 -16.01
N SER A 101 -4.95 0.42 -17.08
CA SER A 101 -4.07 1.39 -17.72
C SER A 101 -4.58 2.80 -17.45
N GLY A 102 -3.64 3.74 -17.40
CA GLY A 102 -4.00 5.14 -17.25
C GLY A 102 -2.91 6.03 -17.76
N GLN A 103 -3.32 7.20 -18.25
CA GLN A 103 -2.37 8.19 -18.73
C GLN A 103 -1.68 8.88 -17.56
N TYR A 104 -0.40 9.20 -17.71
CA TYR A 104 0.32 9.92 -16.66
C TYR A 104 -0.37 11.22 -16.28
N SER A 105 -0.94 11.93 -17.25
CA SER A 105 -1.59 13.20 -16.93
C SER A 105 -2.79 12.99 -16.01
N THR A 106 -3.50 11.88 -16.17
CA THR A 106 -4.61 11.55 -15.27
C THR A 106 -4.09 11.12 -13.91
N ILE A 107 -3.00 10.35 -13.88
CA ILE A 107 -2.44 9.91 -12.60
C ILE A 107 -1.96 11.11 -11.80
N ILE A 108 -1.32 12.08 -12.47
CA ILE A 108 -0.88 13.31 -11.82
C ILE A 108 -2.08 14.09 -11.27
N ALA A 109 -3.13 14.22 -12.07
CA ALA A 109 -4.33 14.89 -11.59
C ALA A 109 -4.88 14.21 -10.35
N GLY A 110 -4.86 12.88 -10.33
CA GLY A 110 -5.37 12.15 -9.18
C GLY A 110 -4.55 12.41 -7.92
N MET A 111 -3.24 12.51 -8.08
CA MET A 111 -2.38 12.77 -6.92
C MET A 111 -2.61 14.18 -6.37
N ASP A 112 -2.71 15.19 -7.26
CA ASP A 112 -3.03 16.53 -6.79
C ASP A 112 -4.44 16.60 -6.23
N PHE A 113 -5.35 15.77 -6.73
CA PHE A 113 -6.70 15.70 -6.16
C PHE A 113 -6.63 15.28 -4.71
N VAL A 114 -5.90 14.21 -4.40
CA VAL A 114 -5.81 13.73 -3.02
C VAL A 114 -5.19 14.78 -2.10
N ALA A 115 -4.17 15.51 -2.59
CA ALA A 115 -3.53 16.50 -1.74
C ALA A 115 -4.51 17.58 -1.30
N SER A 116 -5.51 17.88 -2.13
CA SER A 116 -6.53 18.86 -1.75
C SER A 116 -7.71 18.18 -1.05
N ASP A 117 -8.11 17.01 -1.56
CA ASP A 117 -9.32 16.37 -1.09
C ASP A 117 -9.22 15.95 0.37
N LYS A 118 -8.01 15.67 0.85
CA LYS A 118 -7.88 15.32 2.26
C LYS A 118 -8.45 16.41 3.15
N ASN A 119 -8.46 17.65 2.69
CA ASN A 119 -9.04 18.73 3.49
C ASN A 119 -10.56 18.70 3.50
N ASN A 120 -11.17 17.81 2.73
CA ASN A 120 -12.60 17.60 2.76
C ASN A 120 -12.99 16.33 3.49
N ARG A 121 -12.06 15.71 4.19
CA ARG A 121 -12.30 14.45 4.88
C ARG A 121 -11.88 14.58 6.34
N ASN A 122 -12.39 13.66 7.16
CA ASN A 122 -12.11 13.65 8.59
C ASN A 122 -11.12 12.53 8.86
N CYS A 123 -9.88 12.91 9.11
CA CYS A 123 -8.77 11.97 9.29
C CYS A 123 -7.89 12.50 10.42
N PRO A 124 -8.41 12.58 11.65
CA PRO A 124 -7.63 13.21 12.74
C PRO A 124 -6.32 12.50 13.00
N LYS A 125 -6.26 11.20 12.71
CA LYS A 125 -5.03 10.46 12.96
C LYS A 125 -4.02 10.53 11.82
N GLY A 126 -4.44 10.95 10.63
CA GLY A 126 -3.53 11.15 9.52
C GLY A 126 -4.02 10.50 8.23
N VAL A 127 -3.30 10.82 7.15
CA VAL A 127 -3.68 10.48 5.79
C VAL A 127 -2.55 9.72 5.09
N VAL A 128 -2.93 8.64 4.41
CA VAL A 128 -2.01 7.81 3.64
C VAL A 128 -2.54 7.71 2.21
N ALA A 129 -1.62 7.58 1.24
CA ALA A 129 -1.99 7.26 -0.13
C ALA A 129 -1.19 6.06 -0.62
N SER A 130 -1.89 5.13 -1.26
CA SER A 130 -1.32 3.88 -1.76
C SER A 130 -1.41 3.88 -3.28
N LEU A 131 -0.25 3.80 -3.95
CA LEU A 131 -0.13 3.96 -5.40
C LEU A 131 0.49 2.70 -6.00
N SER A 132 -0.35 1.71 -6.26
CA SER A 132 0.10 0.46 -6.87
C SER A 132 0.06 0.60 -8.39
N LEU A 133 0.92 1.49 -8.89
CA LEU A 133 0.94 1.76 -10.32
C LEU A 133 2.30 2.39 -10.66
N GLY A 134 2.59 2.44 -11.95
CA GLY A 134 3.75 3.16 -12.43
C GLY A 134 4.08 2.84 -13.87
N GLY A 135 5.06 3.56 -14.38
CA GLY A 135 5.57 3.33 -15.71
C GLY A 135 7.00 3.82 -15.77
N GLY A 136 7.44 4.19 -16.97
CA GLY A 136 8.80 4.65 -17.13
C GLY A 136 9.03 5.99 -16.45
N TYR A 137 10.31 6.32 -16.25
CA TYR A 137 10.67 7.51 -15.50
C TYR A 137 10.01 8.75 -16.10
N SER A 138 9.44 9.58 -15.23
CA SER A 138 8.89 10.88 -15.60
C SER A 138 9.11 11.83 -14.44
N SER A 139 9.83 12.93 -14.68
CA SER A 139 10.02 13.89 -13.60
C SER A 139 8.71 14.51 -13.17
N SER A 140 7.74 14.66 -14.07
CA SER A 140 6.46 15.24 -13.70
C SER A 140 5.65 14.31 -12.80
N VAL A 141 5.73 13.01 -13.06
CA VAL A 141 5.04 12.05 -12.18
C VAL A 141 5.71 12.03 -10.82
N ASN A 142 7.04 12.04 -10.78
CA ASN A 142 7.75 12.07 -9.50
C ASN A 142 7.41 13.34 -8.74
N SER A 143 7.36 14.48 -9.43
CA SER A 143 7.06 15.74 -8.76
C SER A 143 5.66 15.73 -8.16
N ALA A 144 4.71 15.11 -8.83
CA ALA A 144 3.36 14.99 -8.28
C ALA A 144 3.36 14.14 -7.03
N ALA A 145 4.12 13.05 -7.04
CA ALA A 145 4.21 12.22 -5.83
C ALA A 145 4.87 13.00 -4.70
N ALA A 146 5.89 13.81 -5.00
CA ALA A 146 6.54 14.59 -3.96
C ALA A 146 5.62 15.68 -3.42
N ARG A 147 4.80 16.31 -4.27
CA ARG A 147 3.84 17.29 -3.78
C ARG A 147 2.84 16.64 -2.84
N LEU A 148 2.34 15.47 -3.22
CA LEU A 148 1.37 14.79 -2.39
C LEU A 148 1.96 14.48 -1.02
N GLN A 149 3.18 13.97 -1.00
CA GLN A 149 3.86 13.71 0.27
C GLN A 149 4.06 15.01 1.06
N SER A 150 4.58 16.04 0.41
CA SER A 150 4.80 17.33 1.07
C SER A 150 3.54 17.88 1.69
N SER A 151 2.37 17.64 1.08
CA SER A 151 1.10 18.14 1.57
C SER A 151 0.67 17.51 2.90
N GLY A 152 1.36 16.46 3.36
CA GLY A 152 1.02 15.83 4.62
C GLY A 152 0.33 14.49 4.45
N VAL A 153 0.66 13.79 3.36
CA VAL A 153 0.12 12.47 3.09
C VAL A 153 1.29 11.50 3.02
N MET A 154 1.17 10.38 3.71
CA MET A 154 2.18 9.33 3.61
C MET A 154 1.97 8.61 2.28
N VAL A 155 2.89 8.80 1.33
CA VAL A 155 2.78 8.20 0.00
C VAL A 155 3.60 6.91 -0.05
N ALA A 156 2.91 5.79 -0.29
CA ALA A 156 3.55 4.51 -0.56
C ALA A 156 3.31 4.14 -2.02
N VAL A 157 4.39 3.79 -2.73
CA VAL A 157 4.31 3.49 -4.15
C VAL A 157 4.97 2.15 -4.43
N ALA A 158 4.43 1.44 -5.42
CA ALA A 158 5.00 0.17 -5.83
C ALA A 158 6.36 0.37 -6.52
N ALA A 159 7.31 -0.52 -6.21
CA ALA A 159 8.61 -0.43 -6.87
C ALA A 159 8.55 -0.85 -8.34
N GLY A 160 7.62 -1.70 -8.71
CA GLY A 160 7.51 -2.22 -10.05
C GLY A 160 7.90 -3.70 -10.11
N ASN A 161 7.52 -4.33 -11.23
CA ASN A 161 7.56 -5.79 -11.36
C ASN A 161 8.41 -6.25 -12.52
N ASN A 162 9.53 -5.57 -12.75
CA ASN A 162 10.39 -5.82 -13.90
C ASN A 162 11.69 -6.55 -13.55
N ASN A 163 11.86 -6.94 -12.29
CA ASN A 163 13.14 -7.47 -11.81
C ASN A 163 14.28 -6.56 -12.24
N ALA A 164 14.08 -5.25 -12.07
CA ALA A 164 15.03 -4.27 -12.58
C ALA A 164 15.24 -3.19 -11.52
N ASP A 165 16.18 -2.29 -11.81
CA ASP A 165 16.40 -1.18 -10.89
C ASP A 165 15.26 -0.17 -10.98
N ALA A 166 14.62 0.08 -9.85
CA ALA A 166 13.46 0.96 -9.80
C ALA A 166 13.81 2.42 -10.08
N ARG A 167 15.09 2.77 -10.18
CA ARG A 167 15.45 4.14 -10.54
C ARG A 167 14.85 4.58 -11.88
N ASN A 168 14.48 3.64 -12.76
CA ASN A 168 14.01 3.94 -14.10
C ASN A 168 12.50 3.92 -14.22
N TYR A 169 11.79 3.94 -13.10
CA TYR A 169 10.34 3.88 -13.08
C TYR A 169 9.78 4.99 -12.20
N SER A 170 8.55 5.42 -12.50
CA SER A 170 7.93 6.47 -11.71
C SER A 170 6.51 6.06 -11.32
N PRO A 171 6.02 6.46 -10.13
CA PRO A 171 6.70 7.27 -9.11
C PRO A 171 7.73 6.53 -8.23
N ALA A 172 8.03 5.26 -8.56
CA ALA A 172 8.96 4.47 -7.76
C ALA A 172 10.27 5.21 -7.46
N SER A 173 10.78 5.95 -8.43
CA SER A 173 12.08 6.59 -8.29
C SER A 173 12.06 7.92 -7.55
N GLU A 174 10.89 8.42 -7.16
CA GLU A 174 10.86 9.66 -6.39
C GLU A 174 11.46 9.45 -5.00
N PRO A 175 12.51 10.19 -4.63
CA PRO A 175 13.15 9.89 -3.33
C PRO A 175 12.27 10.16 -2.11
N SER A 176 11.34 11.11 -2.17
CA SER A 176 10.67 11.56 -0.96
C SER A 176 9.48 10.69 -0.56
N VAL A 177 9.11 9.73 -1.38
CA VAL A 177 8.02 8.83 -1.06
C VAL A 177 8.55 7.48 -0.62
N CYS A 178 7.66 6.58 -0.24
CA CYS A 178 8.05 5.28 0.28
C CYS A 178 7.88 4.23 -0.83
N THR A 179 9.00 3.76 -1.37
CA THR A 179 8.99 2.82 -2.49
C THR A 179 9.10 1.40 -1.96
N VAL A 180 8.17 0.55 -2.36
CA VAL A 180 7.94 -0.73 -1.70
C VAL A 180 8.26 -1.86 -2.66
N GLY A 181 9.17 -2.72 -2.25
CA GLY A 181 9.45 -3.94 -2.99
C GLY A 181 8.63 -5.11 -2.44
N ALA A 182 8.71 -6.25 -3.15
CA ALA A 182 7.88 -7.40 -2.85
C ALA A 182 8.70 -8.59 -2.35
N SER A 183 8.17 -9.29 -1.32
CA SER A 183 8.77 -10.53 -0.81
C SER A 183 7.72 -11.63 -0.81
N ASP A 184 8.20 -12.87 -0.61
CA ASP A 184 7.36 -14.06 -0.56
C ASP A 184 7.32 -14.67 0.85
N ARG A 185 6.54 -15.74 0.97
CA ARG A 185 6.25 -16.28 2.28
C ARG A 185 7.44 -16.97 2.92
N TYR A 186 8.50 -17.21 2.14
CA TYR A 186 9.73 -17.77 2.67
C TYR A 186 10.81 -16.71 2.84
N ASP A 187 10.41 -15.45 2.87
CA ASP A 187 11.34 -14.34 3.08
C ASP A 187 12.36 -14.22 1.95
N ARG A 188 11.93 -14.53 0.73
CA ARG A 188 12.75 -14.33 -0.46
C ARG A 188 12.21 -13.11 -1.19
N ARG A 189 13.11 -12.32 -1.77
CA ARG A 189 12.64 -11.27 -2.67
C ARG A 189 11.80 -11.91 -3.77
N SER A 190 10.61 -11.36 -4.01
CA SER A 190 9.75 -11.90 -5.06
C SER A 190 10.47 -11.86 -6.41
N SER A 191 10.21 -12.89 -7.24
CA SER A 191 10.96 -13.08 -8.48
C SER A 191 10.88 -11.85 -9.38
N PHE A 192 9.74 -11.16 -9.37
CA PHE A 192 9.48 -10.04 -10.25
C PHE A 192 9.87 -8.70 -9.65
N SER A 193 10.17 -8.63 -8.35
CA SER A 193 10.25 -7.33 -7.68
C SER A 193 11.41 -6.51 -8.22
N ASN A 194 11.16 -5.24 -8.49
CA ASN A 194 12.26 -4.33 -8.71
C ASN A 194 13.06 -4.16 -7.42
N TYR A 195 14.25 -3.57 -7.58
CA TYR A 195 15.22 -3.41 -6.50
C TYR A 195 15.92 -2.08 -6.72
N GLY A 196 16.96 -1.83 -5.93
CA GLY A 196 17.80 -0.67 -6.09
C GLY A 196 17.78 0.25 -4.88
N SER A 197 18.66 1.24 -4.93
CA SER A 197 18.83 2.19 -3.84
C SER A 197 17.55 2.98 -3.53
N VAL A 198 16.66 3.15 -4.51
CA VAL A 198 15.47 3.96 -4.26
C VAL A 198 14.44 3.22 -3.41
N LEU A 199 14.54 1.90 -3.29
CA LEU A 199 13.61 1.18 -2.43
C LEU A 199 13.84 1.55 -0.97
N ASP A 200 12.72 1.72 -0.25
CA ASP A 200 12.78 2.00 1.17
C ASP A 200 12.45 0.80 2.04
N ILE A 201 11.70 -0.18 1.53
CA ILE A 201 11.13 -1.22 2.38
C ILE A 201 10.58 -2.31 1.46
N PHE A 202 10.47 -3.52 2.00
CA PHE A 202 9.77 -4.62 1.35
C PHE A 202 8.52 -4.97 2.14
N GLY A 203 7.50 -5.43 1.45
CA GLY A 203 6.33 -6.00 2.09
C GLY A 203 5.91 -7.25 1.38
N PRO A 204 4.96 -7.99 1.95
CA PRO A 204 4.48 -9.22 1.31
C PRO A 204 3.83 -8.94 -0.04
N GLY A 205 4.30 -9.63 -1.10
CA GLY A 205 3.79 -9.43 -2.44
C GLY A 205 3.53 -10.64 -3.31
N THR A 206 3.92 -11.84 -2.88
CA THR A 206 3.70 -13.04 -3.66
C THR A 206 2.57 -13.84 -3.01
N ASP A 207 1.54 -14.15 -3.81
CA ASP A 207 0.39 -14.97 -3.38
C ASP A 207 -0.36 -14.32 -2.21
N ILE A 208 -0.91 -13.14 -2.49
CA ILE A 208 -1.59 -12.32 -1.50
C ILE A 208 -3.10 -12.44 -1.70
N LEU A 209 -3.79 -13.02 -0.72
CA LEU A 209 -5.23 -13.14 -0.76
C LEU A 209 -5.88 -11.83 -0.32
N SER A 210 -6.88 -11.39 -1.09
CA SER A 210 -7.59 -10.17 -0.74
C SER A 210 -8.92 -10.16 -1.48
N THR A 211 -9.64 -9.05 -1.33
CA THR A 211 -10.95 -8.88 -1.91
C THR A 211 -10.86 -8.72 -3.42
N TRP A 212 -11.94 -9.08 -4.10
CA TRP A 212 -12.03 -8.90 -5.54
C TRP A 212 -13.44 -8.46 -5.87
N ILE A 213 -13.63 -8.01 -7.11
CA ILE A 213 -14.94 -7.53 -7.55
C ILE A 213 -15.92 -8.70 -7.62
N GLY A 214 -17.22 -8.39 -7.65
CA GLY A 214 -18.23 -9.40 -7.52
C GLY A 214 -18.37 -9.96 -6.12
N GLY A 215 -17.92 -9.22 -5.11
CA GLY A 215 -17.96 -9.67 -3.73
C GLY A 215 -17.16 -10.94 -3.49
N SER A 216 -16.03 -11.07 -4.15
CA SER A 216 -15.27 -12.30 -4.11
C SER A 216 -13.91 -12.06 -3.48
N THR A 217 -13.03 -13.05 -3.62
CA THR A 217 -11.65 -12.96 -3.14
C THR A 217 -10.75 -13.71 -4.11
N ARG A 218 -9.48 -13.33 -4.13
CA ARG A 218 -8.49 -14.12 -4.88
C ARG A 218 -7.09 -13.76 -4.42
N SER A 219 -6.14 -14.62 -4.78
CA SER A 219 -4.74 -14.45 -4.44
C SER A 219 -3.99 -14.04 -5.71
N ILE A 220 -3.31 -12.90 -5.68
CA ILE A 220 -2.50 -12.44 -6.80
C ILE A 220 -1.17 -11.92 -6.25
N SER A 221 -0.24 -11.63 -7.17
CA SER A 221 1.12 -11.27 -6.81
C SER A 221 1.54 -9.97 -7.47
N GLY A 222 2.39 -9.22 -6.79
CA GLY A 222 2.94 -8.02 -7.39
C GLY A 222 3.47 -7.08 -6.33
N THR A 223 4.29 -6.13 -6.76
CA THR A 223 4.61 -5.03 -5.85
C THR A 223 3.40 -4.17 -5.57
N SER A 224 2.38 -4.27 -6.42
CA SER A 224 1.07 -3.67 -6.16
C SER A 224 0.43 -4.25 -4.91
N MET A 225 0.76 -5.49 -4.56
CA MET A 225 0.20 -6.12 -3.36
C MET A 225 1.03 -5.78 -2.13
N ALA A 226 2.34 -5.56 -2.29
CA ALA A 226 3.17 -5.20 -1.15
C ALA A 226 2.88 -3.79 -0.69
N THR A 227 2.69 -2.87 -1.63
CA THR A 227 2.45 -1.46 -1.32
C THR A 227 1.31 -1.22 -0.34
N PRO A 228 0.13 -1.80 -0.52
CA PRO A 228 -0.94 -1.59 0.46
C PRO A 228 -0.66 -2.20 1.84
N HIS A 229 0.21 -3.20 1.96
CA HIS A 229 0.61 -3.62 3.29
C HIS A 229 1.31 -2.48 4.01
N VAL A 230 2.20 -1.79 3.31
CA VAL A 230 2.95 -0.69 3.89
C VAL A 230 2.04 0.51 4.15
N ALA A 231 1.10 0.77 3.24
CA ALA A 231 0.17 1.88 3.43
C ALA A 231 -0.76 1.64 4.61
N GLY A 232 -1.30 0.42 4.70
CA GLY A 232 -2.08 0.06 5.87
C GLY A 232 -1.26 0.10 7.15
N LEU A 233 -0.01 -0.35 7.08
CA LEU A 233 0.86 -0.30 8.26
C LEU A 233 1.05 1.15 8.71
N ALA A 234 1.28 2.06 7.76
CA ALA A 234 1.46 3.46 8.11
C ALA A 234 0.23 4.02 8.80
N ALA A 235 -0.96 3.71 8.27
CA ALA A 235 -2.20 4.21 8.87
C ALA A 235 -2.37 3.68 10.30
N TYR A 236 -2.05 2.40 10.49
CA TYR A 236 -2.10 1.77 11.80
C TYR A 236 -1.16 2.44 12.79
N LEU A 237 0.07 2.73 12.36
CA LEU A 237 1.06 3.35 13.25
C LEU A 237 0.74 4.80 13.56
N MET A 238 0.19 5.53 12.58
CA MET A 238 -0.22 6.91 12.80
C MET A 238 -1.39 6.98 13.78
N THR A 239 -2.35 6.05 13.68
CA THR A 239 -3.41 5.99 14.67
C THR A 239 -2.85 5.72 16.06
N LEU A 240 -1.81 4.89 16.16
CA LEU A 240 -1.21 4.67 17.47
C LEU A 240 -0.42 5.86 17.98
N GLY A 241 -0.22 6.89 17.17
CA GLY A 241 0.60 8.04 17.54
C GLY A 241 2.08 7.80 17.50
N LYS A 242 2.53 6.71 16.89
CA LYS A 242 3.95 6.42 16.85
C LYS A 242 4.69 7.18 15.76
N THR A 243 4.01 7.69 14.76
CA THR A 243 4.68 8.39 13.67
C THR A 243 3.67 9.32 12.99
N THR A 244 4.17 10.05 12.00
CA THR A 244 3.36 10.99 11.23
C THR A 244 3.55 10.70 9.75
N ALA A 245 2.73 11.35 8.92
CA ALA A 245 2.86 11.15 7.49
C ALA A 245 4.25 11.49 6.99
N ALA A 246 4.83 12.58 7.48
CA ALA A 246 6.16 12.98 7.03
C ALA A 246 7.24 12.01 7.47
N SER A 247 7.04 11.29 8.57
CA SER A 247 8.09 10.48 9.17
C SER A 247 7.83 8.98 9.05
N ALA A 248 6.68 8.59 8.52
CA ALA A 248 6.24 7.19 8.65
C ALA A 248 7.14 6.23 7.89
N CYS A 249 7.61 6.63 6.69
CA CYS A 249 8.47 5.74 5.92
C CYS A 249 9.77 5.47 6.68
N ARG A 250 10.39 6.53 7.19
CA ARG A 250 11.62 6.36 7.96
C ARG A 250 11.36 5.54 9.22
N TYR A 251 10.20 5.74 9.86
CA TYR A 251 9.87 4.98 11.05
C TYR A 251 9.73 3.50 10.73
N ILE A 252 9.02 3.19 9.64
CA ILE A 252 8.84 1.80 9.24
C ILE A 252 10.18 1.17 8.88
N ALA A 253 11.05 1.92 8.22
CA ALA A 253 12.39 1.39 7.95
C ALA A 253 13.16 1.19 9.25
N ASP A 254 13.08 2.16 10.18
CA ASP A 254 13.76 2.05 11.48
C ASP A 254 13.32 0.81 12.26
N THR A 255 12.04 0.45 12.17
CA THR A 255 11.47 -0.58 13.01
C THR A 255 11.30 -1.92 12.28
N ALA A 256 11.80 -2.02 11.04
CA ALA A 256 11.60 -3.19 10.20
C ALA A 256 12.40 -4.39 10.72
N ASN A 257 12.00 -5.58 10.29
CA ASN A 257 12.85 -6.74 10.41
C ASN A 257 14.02 -6.57 9.43
N LYS A 258 15.25 -6.73 9.92
CA LYS A 258 16.43 -6.34 9.17
C LYS A 258 17.29 -7.56 8.83
N GLY A 259 17.75 -7.60 7.58
CA GLY A 259 18.63 -8.66 7.13
C GLY A 259 18.02 -10.03 7.03
N ASP A 260 16.68 -10.12 7.00
CA ASP A 260 16.01 -11.40 6.99
C ASP A 260 15.61 -11.91 5.61
N LEU A 261 15.73 -11.10 4.56
CA LEU A 261 15.30 -11.47 3.22
C LEU A 261 16.48 -11.99 2.41
N SER A 262 16.21 -12.97 1.55
CA SER A 262 17.21 -13.50 0.64
C SER A 262 17.05 -12.92 -0.77
N ASN A 263 18.13 -13.04 -1.55
CA ASN A 263 18.20 -12.53 -2.92
C ASN A 263 17.94 -11.03 -3.00
N ILE A 264 18.42 -10.29 -2.00
CA ILE A 264 18.41 -8.84 -2.03
C ILE A 264 19.73 -8.39 -2.66
N PRO A 265 19.71 -7.69 -3.79
CA PRO A 265 20.97 -7.26 -4.42
C PRO A 265 21.75 -6.34 -3.49
N PHE A 266 23.08 -6.42 -3.61
CA PHE A 266 23.97 -5.52 -2.88
C PHE A 266 23.56 -4.09 -3.19
N GLY A 267 23.41 -3.28 -2.14
CA GLY A 267 23.02 -1.90 -2.31
C GLY A 267 21.53 -1.62 -2.22
N THR A 268 20.70 -2.66 -2.10
CA THR A 268 19.27 -2.52 -1.85
C THR A 268 19.00 -2.86 -0.39
N VAL A 269 18.10 -2.08 0.24
CA VAL A 269 17.81 -2.29 1.66
C VAL A 269 17.28 -3.70 1.89
N ASN A 270 17.66 -4.30 3.02
CA ASN A 270 17.13 -5.58 3.43
C ASN A 270 16.27 -5.33 4.66
N LEU A 271 15.07 -4.79 4.42
CA LEU A 271 14.15 -4.38 5.47
C LEU A 271 12.76 -4.86 5.11
N LEU A 272 12.10 -5.52 6.05
CA LEU A 272 10.77 -6.08 5.84
C LEU A 272 9.82 -5.43 6.83
N ALA A 273 8.73 -4.85 6.32
CA ALA A 273 7.79 -4.11 7.16
C ALA A 273 7.32 -4.94 8.36
N TYR A 274 7.26 -4.29 9.52
CA TYR A 274 6.97 -4.97 10.78
C TYR A 274 6.30 -4.02 11.77
N ASN A 275 5.15 -4.43 12.30
CA ASN A 275 4.38 -3.56 13.20
C ASN A 275 4.88 -3.51 14.63
N ASN A 276 5.85 -4.36 15.00
CA ASN A 276 6.42 -4.37 16.35
C ASN A 276 5.35 -4.43 17.43
N TYR A 277 4.22 -5.07 17.15
CA TYR A 277 3.17 -5.12 18.15
C TYR A 277 3.52 -6.20 19.17
N GLN A 278 3.47 -5.84 20.45
CA GLN A 278 3.62 -6.80 21.54
C GLN A 278 2.23 -7.08 22.12
N ALA A 279 1.74 -8.28 21.88
CA ALA A 279 0.43 -8.69 22.38
C ALA A 279 0.46 -8.85 23.89
#